data_3PBS
#
_entry.id   3PBS
#
_cell.length_a   67.500
_cell.length_b   83.830
_cell.length_c   89.750
_cell.angle_alpha   90.00
_cell.angle_beta   90.00
_cell.angle_gamma   90.00
#
_symmetry.space_group_name_H-M   'P 21 21 21'
#
loop_
_entity.id
_entity.type
_entity.pdbx_description
1 polymer 'Penicillin-binding protein 3'
2 non-polymer '2-({[(1Z)-1-(2-amino-1,3-thiazol-4-yl)-2-oxo-2-{[(2S,3S)-1-oxo-3-(sulfoamino)butan-2-yl]amino}ethylidene]amino}oxy)-2-methylpropanoic acid'
3 water water
#
_entity_poly.entity_id   1
_entity_poly.type   'polypeptide(L)'
_entity_poly.pdbx_seq_one_letter_code
;MGHHHHHHARSVRHIAIPAHRGLITDRNGEPLAVSTPVTTLWANPKELMTAKERWPQLAAALGQDTKLFADRIEQNAERE
FIYLVRGLTPEQGEGVIALKVPGVYSIEEFRRFYPAGEVVAHAVGFTDVDDRGREGIELAFDEWLAGVPGKRQVLKDRRG
RVIKDVQVTKNAKPGKTLALSIDLRLQYLAHRELRNALLENGAKAGSLVIMDVKTGEILAMTNQPTYNPNNRRNLQPAAM
RNRAMIDVFEPGSTVKPFSMSAALASGRWKPSDIVDVYPGTLQIGRYTIRDVSRNSRQLDLTGILIKSSNVGISKIAFDI
GAESIYSVMQQVGLGQDTGLGFPGERVGNLPNHRKWPKAETATLAYGYGLSVTAIQLAHAYAALANDGKSVPLSMTRVDR
VPDGVQVISPEVASTVQGMLQQVVEAQGGVFRAQVPGYHAAGKSGTARKVSVGTKGYRENAYRSLFAGFAPATDPRIAMV
VVIDEPSKAGYFGGLVSAPVFSKVMAGALRLMNVPPDNLPTATEQQQVNAAPAKGGRG
;
_entity_poly.pdbx_strand_id   A
#
# COMPACT_ATOMS: atom_id res chain seq x y z
N VAL A 12 -24.14 34.06 3.49
CA VAL A 12 -23.11 34.38 2.50
C VAL A 12 -23.48 35.44 1.45
N ARG A 13 -22.71 36.54 1.49
CA ARG A 13 -22.69 37.69 0.57
C ARG A 13 -21.32 37.56 -0.14
N HIS A 14 -20.59 36.46 0.21
CA HIS A 14 -19.27 36.09 -0.28
C HIS A 14 -19.35 34.73 -0.99
N ILE A 15 -18.42 34.49 -1.92
CA ILE A 15 -18.28 33.21 -2.62
C ILE A 15 -16.83 32.73 -2.50
N ALA A 16 -16.67 31.42 -2.18
CA ALA A 16 -15.37 30.78 -1.94
C ALA A 16 -14.46 30.78 -3.16
N ILE A 17 -13.16 30.99 -2.91
CA ILE A 17 -12.06 30.99 -3.90
C ILE A 17 -11.25 29.69 -3.65
N PRO A 18 -11.58 28.57 -4.33
CA PRO A 18 -10.82 27.33 -4.12
C PRO A 18 -9.32 27.55 -4.34
N ALA A 19 -8.47 27.10 -3.39
CA ALA A 19 -7.02 27.28 -3.50
C ALA A 19 -6.41 26.16 -4.35
N HIS A 20 -5.16 26.35 -4.80
CA HIS A 20 -4.46 25.35 -5.60
C HIS A 20 -3.98 24.23 -4.67
N ARG A 21 -4.47 23.00 -4.89
CA ARG A 21 -4.09 21.83 -4.10
C ARG A 21 -2.62 21.44 -4.38
N GLY A 22 -1.91 21.08 -3.31
CA GLY A 22 -0.49 20.69 -3.35
C GLY A 22 -0.16 19.59 -4.33
N LEU A 23 0.95 19.77 -5.05
CA LEU A 23 1.43 18.75 -5.98
C LEU A 23 1.97 17.54 -5.21
N ILE A 24 1.55 16.34 -5.61
CA ILE A 24 2.10 15.12 -5.05
C ILE A 24 3.05 14.55 -6.12
N THR A 25 4.26 14.16 -5.70
CA THR A 25 5.23 13.57 -6.61
C THR A 25 5.81 12.31 -6.00
N ASP A 26 6.56 11.53 -6.80
CA ASP A 26 7.29 10.40 -6.25
C ASP A 26 8.59 11.00 -5.65
N ARG A 27 9.50 10.16 -5.13
CA ARG A 27 10.77 10.57 -4.55
C ARG A 27 11.70 11.42 -5.44
N ASN A 28 11.60 11.29 -6.77
CA ASN A 28 12.44 12.04 -7.72
C ASN A 28 11.73 13.17 -8.48
N GLY A 29 10.54 13.57 -7.99
CA GLY A 29 9.78 14.67 -8.55
C GLY A 29 8.86 14.33 -9.70
N GLU A 30 8.56 13.04 -9.90
CA GLU A 30 7.63 12.61 -10.94
C GLU A 30 6.21 12.88 -10.45
N PRO A 31 5.41 13.72 -11.16
CA PRO A 31 4.05 14.01 -10.68
C PRO A 31 3.14 12.81 -10.60
N LEU A 32 2.42 12.71 -9.47
CA LEU A 32 1.47 11.63 -9.15
C LEU A 32 0.03 12.15 -8.94
N ALA A 33 -0.14 13.45 -8.59
CA ALA A 33 -1.42 14.14 -8.34
C ALA A 33 -1.26 15.61 -8.69
N VAL A 34 -1.90 16.03 -9.80
CA VAL A 34 -1.78 17.36 -10.38
C VAL A 34 -3.13 18.09 -10.35
N SER A 35 -3.19 19.28 -9.68
CA SER A 35 -4.40 20.12 -9.65
C SER A 35 -4.49 20.77 -11.03
N THR A 36 -5.50 20.41 -11.80
CA THR A 36 -5.67 20.95 -13.15
C THR A 36 -6.83 21.95 -13.18
N PRO A 37 -6.70 23.11 -13.90
CA PRO A 37 -7.80 24.09 -13.89
C PRO A 37 -9.02 23.57 -14.63
N VAL A 38 -10.18 23.66 -13.96
CA VAL A 38 -11.49 23.28 -14.51
C VAL A 38 -12.47 24.45 -14.32
N THR A 39 -13.60 24.41 -15.04
CA THR A 39 -14.61 25.45 -14.90
C THR A 39 -15.96 24.89 -14.56
N THR A 40 -16.54 25.44 -13.50
CA THR A 40 -17.84 25.06 -12.99
C THR A 40 -18.84 26.15 -13.41
N LEU A 41 -20.02 25.76 -13.96
CA LEU A 41 -21.05 26.72 -14.36
C LEU A 41 -22.20 26.71 -13.38
N TRP A 42 -22.59 27.90 -12.94
CA TRP A 42 -23.76 28.04 -12.09
C TRP A 42 -24.65 29.06 -12.73
N ALA A 43 -25.88 29.14 -12.26
CA ALA A 43 -26.86 30.07 -12.82
C ALA A 43 -27.81 30.60 -11.77
N ASN A 44 -28.36 31.78 -12.04
CA ASN A 44 -29.33 32.41 -11.17
C ASN A 44 -30.70 32.20 -11.84
N PRO A 45 -31.58 31.31 -11.32
CA PRO A 45 -32.89 31.11 -11.96
C PRO A 45 -33.78 32.35 -12.13
N LYS A 46 -33.65 33.39 -11.26
CA LYS A 46 -34.44 34.62 -11.34
C LYS A 46 -34.10 35.40 -12.60
N GLU A 47 -32.87 35.23 -13.09
CA GLU A 47 -32.43 35.85 -14.33
C GLU A 47 -32.84 34.92 -15.47
N LEU A 48 -32.68 33.58 -15.30
CA LEU A 48 -33.08 32.61 -16.34
C LEU A 48 -34.59 32.68 -16.65
N MET A 49 -35.43 33.00 -15.64
CA MET A 49 -36.88 33.10 -15.79
C MET A 49 -37.37 34.21 -16.73
N THR A 50 -36.49 35.17 -17.09
CA THR A 50 -36.80 36.25 -18.02
C THR A 50 -36.10 36.05 -19.39
N ALA A 51 -35.51 34.86 -19.59
CA ALA A 51 -34.84 34.48 -20.83
C ALA A 51 -35.17 33.02 -21.24
N LYS A 52 -36.43 32.60 -21.02
CA LYS A 52 -36.91 31.26 -21.37
C LYS A 52 -36.62 30.82 -22.81
N GLU A 53 -36.70 31.71 -23.80
CA GLU A 53 -36.44 31.32 -25.20
C GLU A 53 -34.99 30.84 -25.46
N ARG A 54 -34.09 31.06 -24.48
CA ARG A 54 -32.68 30.62 -24.54
C ARG A 54 -32.48 29.23 -23.93
N TRP A 55 -33.41 28.77 -23.09
CA TRP A 55 -33.29 27.50 -22.34
C TRP A 55 -32.97 26.26 -23.18
N PRO A 56 -33.66 25.98 -24.31
CA PRO A 56 -33.29 24.78 -25.10
C PRO A 56 -31.87 24.79 -25.63
N GLN A 57 -31.37 25.97 -26.04
CA GLN A 57 -29.98 26.14 -26.49
C GLN A 57 -29.02 25.87 -25.33
N LEU A 58 -29.33 26.44 -24.14
CA LEU A 58 -28.54 26.23 -22.91
C LEU A 58 -28.63 24.75 -22.48
N ALA A 59 -29.82 24.13 -22.55
CA ALA A 59 -30.01 22.72 -22.19
C ALA A 59 -29.13 21.79 -23.06
N ALA A 60 -29.17 21.98 -24.39
CA ALA A 60 -28.39 21.23 -25.38
C ALA A 60 -26.89 21.42 -25.21
N ALA A 61 -26.44 22.63 -24.80
CA ALA A 61 -25.01 22.88 -24.56
C ALA A 61 -24.54 22.15 -23.30
N LEU A 62 -25.47 21.91 -22.35
CA LEU A 62 -25.21 21.24 -21.09
C LEU A 62 -25.40 19.73 -21.16
N GLY A 63 -25.97 19.23 -22.25
CA GLY A 63 -26.27 17.82 -22.45
C GLY A 63 -27.48 17.39 -21.66
N GLN A 64 -28.37 18.35 -21.37
CA GLN A 64 -29.60 18.15 -20.60
C GLN A 64 -30.79 17.99 -21.53
N ASP A 65 -31.82 17.25 -21.08
CA ASP A 65 -33.05 17.09 -21.86
C ASP A 65 -33.81 18.43 -21.78
N THR A 66 -34.35 18.91 -22.91
CA THR A 66 -35.07 20.20 -23.02
C THR A 66 -36.11 20.42 -21.91
N LYS A 67 -37.07 19.49 -21.78
CA LYS A 67 -38.16 19.60 -20.83
C LYS A 67 -37.72 19.43 -19.40
N LEU A 68 -36.77 18.51 -19.16
CA LEU A 68 -36.29 18.24 -17.80
C LEU A 68 -35.49 19.41 -17.26
N PHE A 69 -34.77 20.13 -18.14
CA PHE A 69 -34.02 21.36 -17.81
C PHE A 69 -34.96 22.50 -17.45
N ALA A 70 -35.99 22.75 -18.30
CA ALA A 70 -37.02 23.77 -18.10
C ALA A 70 -37.75 23.55 -16.75
N ASP A 71 -38.06 22.27 -16.43
CA ASP A 71 -38.70 21.84 -15.16
C ASP A 71 -37.81 22.21 -13.98
N ARG A 72 -36.50 21.91 -14.09
CA ARG A 72 -35.52 22.24 -13.05
C ARG A 72 -35.46 23.73 -12.78
N ILE A 73 -35.50 24.60 -13.83
CA ILE A 73 -35.48 26.05 -13.64
C ILE A 73 -36.76 26.57 -12.95
N GLU A 74 -37.94 26.18 -13.50
CA GLU A 74 -39.27 26.53 -13.02
C GLU A 74 -39.48 26.15 -11.54
N GLN A 75 -38.86 25.04 -11.11
CA GLN A 75 -38.93 24.53 -9.74
C GLN A 75 -38.00 25.28 -8.78
N ASN A 76 -36.91 25.86 -9.32
CA ASN A 76 -35.89 26.62 -8.61
C ASN A 76 -36.04 28.13 -8.82
N ALA A 77 -37.16 28.56 -9.40
CA ALA A 77 -37.51 29.95 -9.79
C ALA A 77 -37.24 31.07 -8.78
N GLU A 78 -37.44 30.78 -7.48
CA GLU A 78 -37.24 31.72 -6.38
C GLU A 78 -35.83 31.66 -5.80
N ARG A 79 -35.01 30.66 -6.22
CA ARG A 79 -33.62 30.49 -5.75
C ARG A 79 -32.71 31.37 -6.57
N GLU A 80 -31.58 31.82 -5.98
CA GLU A 80 -30.62 32.71 -6.63
C GLU A 80 -29.38 32.00 -7.15
N PHE A 81 -29.22 30.70 -6.80
CA PHE A 81 -28.07 29.89 -7.16
C PHE A 81 -28.44 28.43 -7.36
N ILE A 82 -27.98 27.88 -8.49
CA ILE A 82 -28.07 26.47 -8.83
C ILE A 82 -26.80 26.13 -9.57
N TYR A 83 -26.32 24.90 -9.42
CA TYR A 83 -25.18 24.39 -10.16
C TYR A 83 -25.76 23.84 -11.48
N LEU A 84 -25.07 24.07 -12.61
CA LEU A 84 -25.51 23.55 -13.91
C LEU A 84 -24.69 22.32 -14.20
N VAL A 85 -23.36 22.47 -14.14
CA VAL A 85 -22.41 21.39 -14.42
C VAL A 85 -21.07 21.68 -13.73
N ARG A 86 -20.40 20.61 -13.28
CA ARG A 86 -19.14 20.77 -12.59
C ARG A 86 -17.96 20.14 -13.29
N GLY A 87 -16.81 20.77 -13.14
CA GLY A 87 -15.51 20.32 -13.63
C GLY A 87 -15.30 20.24 -15.13
N LEU A 88 -15.80 21.24 -15.90
CA LEU A 88 -15.59 21.26 -17.35
C LEU A 88 -14.19 21.75 -17.64
N THR A 89 -13.65 21.43 -18.83
CA THR A 89 -12.34 21.97 -19.24
C THR A 89 -12.53 23.49 -19.41
N PRO A 90 -11.51 24.36 -19.16
CA PRO A 90 -11.74 25.81 -19.36
C PRO A 90 -12.39 26.16 -20.70
N GLU A 91 -12.03 25.42 -21.77
CA GLU A 91 -12.53 25.54 -23.15
C GLU A 91 -14.03 25.20 -23.26
N GLN A 92 -14.47 24.05 -22.67
CA GLN A 92 -15.88 23.61 -22.66
C GLN A 92 -16.78 24.67 -21.98
N GLY A 93 -16.33 25.17 -20.81
CA GLY A 93 -17.00 26.21 -20.03
C GLY A 93 -17.10 27.55 -20.73
N GLU A 94 -16.01 27.96 -21.41
CA GLU A 94 -15.96 29.21 -22.19
C GLU A 94 -16.98 29.19 -23.36
N GLY A 95 -17.23 28.00 -23.90
CA GLY A 95 -18.20 27.76 -24.97
C GLY A 95 -19.64 28.00 -24.57
N VAL A 96 -20.00 27.65 -23.32
CA VAL A 96 -21.34 27.86 -22.77
C VAL A 96 -21.51 29.34 -22.41
N ILE A 97 -20.45 29.96 -21.89
CA ILE A 97 -20.47 31.39 -21.54
C ILE A 97 -20.67 32.24 -22.81
N ALA A 98 -20.08 31.79 -23.95
CA ALA A 98 -20.17 32.44 -25.28
C ALA A 98 -21.60 32.50 -25.85
N LEU A 99 -22.57 31.76 -25.26
CA LEU A 99 -23.97 31.78 -25.67
C LEU A 99 -24.62 33.09 -25.21
N LYS A 100 -24.02 33.75 -24.20
CA LYS A 100 -24.48 35.01 -23.59
C LYS A 100 -25.87 34.84 -22.96
N VAL A 101 -26.12 33.67 -22.32
CA VAL A 101 -27.41 33.40 -21.67
C VAL A 101 -27.48 34.19 -20.37
N PRO A 102 -28.44 35.15 -20.23
CA PRO A 102 -28.52 35.94 -18.98
C PRO A 102 -28.66 35.05 -17.75
N GLY A 103 -27.88 35.40 -16.72
CA GLY A 103 -27.85 34.68 -15.46
C GLY A 103 -27.00 33.44 -15.37
N VAL A 104 -26.19 33.16 -16.40
CA VAL A 104 -25.31 31.98 -16.40
C VAL A 104 -23.91 32.53 -16.11
N TYR A 105 -23.27 31.98 -15.05
CA TYR A 105 -21.98 32.38 -14.52
C TYR A 105 -21.00 31.20 -14.45
N SER A 106 -19.71 31.52 -14.36
CA SER A 106 -18.64 30.53 -14.23
C SER A 106 -17.79 30.76 -12.97
N ILE A 107 -17.23 29.67 -12.46
CA ILE A 107 -16.32 29.66 -11.30
C ILE A 107 -15.12 28.82 -11.72
N GLU A 108 -13.92 29.42 -11.60
CA GLU A 108 -12.66 28.75 -11.87
C GLU A 108 -12.35 27.89 -10.65
N GLU A 109 -12.28 26.57 -10.87
CA GLU A 109 -12.03 25.54 -9.86
C GLU A 109 -10.80 24.70 -10.24
N PHE A 110 -10.56 23.62 -9.45
CA PHE A 110 -9.46 22.69 -9.63
C PHE A 110 -9.98 21.29 -9.49
N ARG A 111 -9.42 20.40 -10.30
CA ARG A 111 -9.76 19.00 -10.30
C ARG A 111 -8.44 18.23 -10.42
N ARG A 112 -8.33 17.11 -9.69
CA ARG A 112 -7.11 16.32 -9.71
C ARG A 112 -6.97 15.44 -10.91
N PHE A 113 -5.76 15.44 -11.47
CA PHE A 113 -5.41 14.50 -12.54
C PHE A 113 -4.27 13.63 -11.99
N TYR A 114 -4.33 12.32 -12.23
CA TYR A 114 -3.34 11.36 -11.73
C TYR A 114 -2.54 10.76 -12.91
N PRO A 115 -1.36 11.35 -13.24
CA PRO A 115 -0.62 10.86 -14.41
C PRO A 115 -0.27 9.37 -14.50
N ALA A 116 0.01 8.70 -13.37
CA ALA A 116 0.36 7.27 -13.39
C ALA A 116 -0.87 6.36 -13.27
N GLY A 117 -2.04 6.97 -13.07
CA GLY A 117 -3.34 6.30 -13.01
C GLY A 117 -3.41 5.15 -12.04
N GLU A 118 -3.75 3.97 -12.58
CA GLU A 118 -3.94 2.71 -11.85
C GLU A 118 -2.66 2.14 -11.20
N VAL A 119 -1.49 2.65 -11.61
CA VAL A 119 -0.18 2.22 -11.13
C VAL A 119 0.05 2.59 -9.64
N VAL A 120 -0.46 3.75 -9.19
CA VAL A 120 -0.26 4.21 -7.79
C VAL A 120 -1.61 4.57 -7.18
N ALA A 121 -2.68 3.95 -7.67
CA ALA A 121 -4.03 4.27 -7.21
C ALA A 121 -4.26 4.11 -5.71
N HIS A 122 -3.82 3.00 -5.13
CA HIS A 122 -4.01 2.73 -3.71
C HIS A 122 -3.16 3.60 -2.80
N ALA A 123 -1.87 3.86 -3.16
CA ALA A 123 -1.00 4.73 -2.36
C ALA A 123 -1.49 6.19 -2.37
N VAL A 124 -1.63 6.77 -3.58
CA VAL A 124 -2.01 8.17 -3.77
C VAL A 124 -3.44 8.48 -3.30
N GLY A 125 -4.37 7.60 -3.63
CA GLY A 125 -5.78 7.79 -3.31
C GLY A 125 -6.41 8.78 -4.27
N PHE A 126 -7.48 9.42 -3.82
CA PHE A 126 -8.19 10.40 -4.65
C PHE A 126 -8.97 11.43 -3.85
N THR A 127 -9.29 12.55 -4.50
CA THR A 127 -10.13 13.65 -4.01
C THR A 127 -11.56 13.41 -4.51
N ASP A 128 -12.53 14.07 -3.88
CA ASP A 128 -13.94 13.96 -4.29
C ASP A 128 -14.28 15.06 -5.29
N VAL A 129 -15.57 15.26 -5.59
CA VAL A 129 -16.03 16.33 -6.51
C VAL A 129 -15.71 17.72 -5.95
N ASP A 130 -15.64 17.82 -4.61
CA ASP A 130 -15.32 19.02 -3.87
C ASP A 130 -13.79 19.27 -3.71
N ASP A 131 -12.92 18.44 -4.33
CA ASP A 131 -11.44 18.52 -4.26
C ASP A 131 -10.87 18.27 -2.84
N ARG A 132 -11.58 17.45 -2.05
CA ARG A 132 -11.19 17.07 -0.69
C ARG A 132 -10.64 15.62 -0.73
N GLY A 133 -9.50 15.38 -0.09
CA GLY A 133 -8.90 14.05 -0.03
C GLY A 133 -9.82 13.01 0.58
N ARG A 134 -10.13 11.94 -0.18
CA ARG A 134 -11.03 10.88 0.27
C ARG A 134 -10.31 9.56 0.62
N GLU A 135 -9.18 9.24 -0.07
CA GLU A 135 -8.44 7.99 0.18
C GLU A 135 -6.93 8.20 0.12
N GLY A 136 -6.20 7.21 0.64
CA GLY A 136 -4.74 7.15 0.62
C GLY A 136 -4.04 8.39 1.12
N ILE A 137 -3.01 8.83 0.38
CA ILE A 137 -2.16 10.00 0.66
C ILE A 137 -2.99 11.28 0.63
N GLU A 138 -3.86 11.44 -0.39
CA GLU A 138 -4.80 12.57 -0.55
C GLU A 138 -5.55 12.88 0.76
N LEU A 139 -6.02 11.85 1.47
CA LEU A 139 -6.73 11.97 2.75
C LEU A 139 -5.73 12.11 3.89
N ALA A 140 -4.74 11.18 3.97
CA ALA A 140 -3.72 11.12 5.01
C ALA A 140 -3.04 12.46 5.23
N PHE A 141 -2.70 13.17 4.13
CA PHE A 141 -2.04 14.46 4.12
C PHE A 141 -2.92 15.62 3.67
N ASP A 142 -4.25 15.48 3.79
CA ASP A 142 -5.22 16.50 3.38
C ASP A 142 -4.92 17.94 3.80
N GLU A 143 -4.51 18.18 5.07
CA GLU A 143 -4.19 19.49 5.64
C GLU A 143 -2.97 20.16 4.99
N TRP A 144 -1.91 19.38 4.73
CA TRP A 144 -0.70 19.85 4.06
C TRP A 144 -1.04 20.22 2.60
N LEU A 145 -1.80 19.35 1.92
CA LEU A 145 -2.17 19.50 0.51
C LEU A 145 -3.26 20.53 0.16
N ALA A 146 -4.29 20.69 1.00
CA ALA A 146 -5.41 21.61 0.71
C ALA A 146 -5.09 23.11 0.70
N GLY A 147 -4.31 23.59 1.66
CA GLY A 147 -4.04 25.00 1.81
C GLY A 147 -5.20 25.64 2.57
N VAL A 148 -5.70 26.80 2.09
CA VAL A 148 -6.87 27.46 2.69
C VAL A 148 -7.74 28.18 1.61
N PRO A 149 -9.04 27.82 1.47
CA PRO A 149 -9.87 28.48 0.45
C PRO A 149 -10.06 29.97 0.72
N GLY A 150 -9.91 30.78 -0.31
CA GLY A 150 -10.05 32.21 -0.23
C GLY A 150 -11.50 32.66 -0.23
N LYS A 151 -11.72 33.96 -0.03
CA LYS A 151 -13.05 34.58 0.02
C LYS A 151 -13.11 35.88 -0.80
N ARG A 152 -14.15 36.03 -1.59
CA ARG A 152 -14.38 37.25 -2.38
C ARG A 152 -15.77 37.83 -2.10
N GLN A 153 -15.83 39.09 -1.69
CA GLN A 153 -17.13 39.74 -1.44
C GLN A 153 -17.74 40.14 -2.79
N VAL A 154 -19.03 39.89 -2.98
CA VAL A 154 -19.72 40.26 -4.22
C VAL A 154 -20.81 41.31 -4.00
N LEU A 155 -21.23 41.93 -5.11
CA LEU A 155 -22.34 42.86 -5.12
C LEU A 155 -23.35 42.24 -6.07
N LYS A 156 -24.58 42.04 -5.58
CA LYS A 156 -25.69 41.48 -6.36
C LYS A 156 -26.90 42.39 -6.20
N ASP A 157 -27.69 42.59 -7.27
CA ASP A 157 -28.93 43.32 -7.09
C ASP A 157 -29.94 42.39 -6.36
N ARG A 158 -31.16 42.86 -6.06
CA ARG A 158 -32.15 42.07 -5.30
C ARG A 158 -32.68 40.79 -6.03
N ARG A 159 -32.34 40.66 -7.32
CA ARG A 159 -32.71 39.52 -8.17
C ARG A 159 -31.59 38.44 -8.17
N GLY A 160 -30.52 38.71 -7.39
CA GLY A 160 -29.35 37.84 -7.25
C GLY A 160 -28.31 38.02 -8.34
N ARG A 161 -28.58 38.92 -9.32
CA ARG A 161 -27.67 39.20 -10.43
C ARG A 161 -26.31 39.72 -9.92
N VAL A 162 -25.25 38.92 -10.10
CA VAL A 162 -23.89 39.30 -9.70
C VAL A 162 -23.46 40.47 -10.59
N ILE A 163 -23.24 41.60 -9.94
CA ILE A 163 -22.82 42.82 -10.60
C ILE A 163 -21.29 42.76 -10.70
N LYS A 164 -20.60 42.90 -9.55
CA LYS A 164 -19.14 42.93 -9.48
C LYS A 164 -18.56 42.17 -8.26
N ASP A 165 -17.25 41.87 -8.34
CA ASP A 165 -16.48 41.34 -7.22
C ASP A 165 -16.08 42.62 -6.48
N VAL A 166 -16.56 42.77 -5.23
CA VAL A 166 -16.26 43.96 -4.42
C VAL A 166 -14.80 43.94 -4.04
N GLN A 167 -14.37 42.82 -3.45
CA GLN A 167 -13.00 42.65 -2.99
C GLN A 167 -12.65 41.17 -2.78
N VAL A 168 -11.35 40.92 -2.70
CA VAL A 168 -10.76 39.64 -2.37
C VAL A 168 -10.56 39.77 -0.85
N THR A 169 -11.59 39.43 -0.06
CA THR A 169 -11.56 39.54 1.40
C THR A 169 -10.33 38.78 1.96
N LYS A 170 -10.28 37.48 1.69
CA LYS A 170 -9.20 36.60 2.12
C LYS A 170 -8.58 35.96 0.89
N ASN A 171 -7.26 36.19 0.68
CA ASN A 171 -6.52 35.60 -0.44
C ASN A 171 -6.34 34.12 -0.20
N ALA A 172 -6.57 33.33 -1.26
CA ALA A 172 -6.40 31.87 -1.20
C ALA A 172 -4.91 31.55 -1.04
N LYS A 173 -4.57 30.71 -0.04
CA LYS A 173 -3.19 30.29 0.19
C LYS A 173 -3.06 28.87 -0.37
N PRO A 174 -2.20 28.66 -1.40
CA PRO A 174 -2.12 27.32 -2.01
C PRO A 174 -1.54 26.22 -1.11
N GLY A 175 -1.86 24.98 -1.44
CA GLY A 175 -1.37 23.81 -0.74
C GLY A 175 0.12 23.62 -0.92
N LYS A 176 0.74 22.79 -0.07
CA LYS A 176 2.19 22.56 -0.18
C LYS A 176 2.50 21.27 -0.92
N THR A 177 3.62 21.26 -1.67
CA THR A 177 4.07 20.09 -2.41
C THR A 177 4.34 18.91 -1.45
N LEU A 178 4.15 17.68 -1.94
CA LEU A 178 4.43 16.49 -1.16
C LEU A 178 5.22 15.47 -1.98
N ALA A 179 6.45 15.18 -1.57
CA ALA A 179 7.30 14.18 -2.22
C ALA A 179 7.19 12.87 -1.43
N LEU A 180 6.61 11.83 -2.06
CA LEU A 180 6.44 10.51 -1.42
C LEU A 180 7.74 9.72 -1.46
N SER A 181 7.82 8.63 -0.67
CA SER A 181 8.97 7.76 -0.59
C SER A 181 9.00 6.81 -1.81
N ILE A 182 7.83 6.65 -2.49
CA ILE A 182 7.65 5.79 -3.66
C ILE A 182 8.57 6.24 -4.81
N ASP A 183 9.31 5.27 -5.36
CA ASP A 183 10.11 5.44 -6.55
C ASP A 183 9.20 4.95 -7.67
N LEU A 184 8.74 5.86 -8.55
CA LEU A 184 7.83 5.49 -9.65
C LEU A 184 8.34 4.36 -10.55
N ARG A 185 9.66 4.30 -10.83
CA ARG A 185 10.27 3.25 -11.68
C ARG A 185 10.08 1.87 -11.05
N LEU A 186 10.35 1.76 -9.72
CA LEU A 186 10.16 0.56 -8.92
C LEU A 186 8.68 0.24 -8.81
N GLN A 187 7.84 1.27 -8.66
CA GLN A 187 6.38 1.14 -8.60
C GLN A 187 5.80 0.55 -9.90
N TYR A 188 6.27 1.03 -11.08
CA TYR A 188 5.82 0.51 -12.39
C TYR A 188 6.24 -0.96 -12.55
N LEU A 189 7.49 -1.26 -12.11
CA LEU A 189 8.08 -2.59 -12.14
C LEU A 189 7.32 -3.57 -11.24
N ALA A 190 7.06 -3.19 -9.98
CA ALA A 190 6.32 -4.07 -9.05
C ALA A 190 4.89 -4.29 -9.57
N HIS A 191 4.25 -3.22 -10.07
CA HIS A 191 2.90 -3.25 -10.60
C HIS A 191 2.81 -4.19 -11.78
N ARG A 192 3.72 -4.06 -12.76
CA ARG A 192 3.76 -4.90 -13.96
C ARG A 192 3.83 -6.36 -13.61
N GLU A 193 4.80 -6.72 -12.75
CA GLU A 193 5.07 -8.09 -12.34
C GLU A 193 4.03 -8.70 -11.45
N LEU A 194 3.44 -7.93 -10.52
CA LEU A 194 2.37 -8.48 -9.68
C LEU A 194 1.14 -8.77 -10.55
N ARG A 195 0.86 -7.91 -11.56
CA ARG A 195 -0.26 -8.09 -12.49
C ARG A 195 -0.05 -9.40 -13.25
N ASN A 196 1.14 -9.60 -13.81
CA ASN A 196 1.57 -10.79 -14.55
C ASN A 196 1.48 -12.05 -13.72
N ALA A 197 1.83 -11.99 -12.41
CA ALA A 197 1.76 -13.16 -11.53
C ALA A 197 0.32 -13.56 -11.26
N LEU A 198 -0.56 -12.54 -11.07
CA LEU A 198 -1.99 -12.72 -10.83
C LEU A 198 -2.65 -13.43 -12.05
N LEU A 199 -2.31 -12.98 -13.26
CA LEU A 199 -2.83 -13.54 -14.51
C LEU A 199 -2.29 -14.95 -14.79
N GLU A 200 -0.99 -15.14 -14.58
CA GLU A 200 -0.32 -16.42 -14.78
C GLU A 200 -0.88 -17.51 -13.86
N ASN A 201 -1.30 -17.14 -12.63
CA ASN A 201 -1.81 -18.10 -11.64
C ASN A 201 -3.32 -18.16 -11.45
N GLY A 202 -4.09 -17.32 -12.15
CA GLY A 202 -5.53 -17.24 -11.99
C GLY A 202 -5.91 -16.85 -10.56
N ALA A 203 -5.08 -15.99 -9.96
CA ALA A 203 -5.25 -15.56 -8.57
C ALA A 203 -6.29 -14.48 -8.38
N LYS A 204 -6.96 -14.50 -7.23
CA LYS A 204 -7.99 -13.54 -6.85
C LYS A 204 -7.40 -12.10 -6.63
N ALA A 205 -6.31 -12.00 -5.85
CA ALA A 205 -5.75 -10.70 -5.49
C ALA A 205 -4.26 -10.81 -5.15
N GLY A 206 -3.65 -9.71 -4.73
CA GLY A 206 -2.24 -9.74 -4.35
C GLY A 206 -1.69 -8.41 -3.93
N SER A 207 -0.51 -8.43 -3.31
CA SER A 207 0.20 -7.23 -2.87
C SER A 207 1.69 -7.44 -3.04
N LEU A 208 2.40 -6.36 -3.27
CA LEU A 208 3.84 -6.35 -3.35
C LEU A 208 4.29 -5.05 -2.69
N VAL A 209 5.23 -5.17 -1.72
CA VAL A 209 5.77 -4.02 -0.98
C VAL A 209 7.29 -4.04 -1.09
N ILE A 210 7.89 -2.86 -1.38
CA ILE A 210 9.33 -2.66 -1.44
C ILE A 210 9.77 -1.63 -0.40
N MET A 211 10.75 -2.02 0.42
CA MET A 211 11.26 -1.19 1.49
C MET A 211 12.73 -0.87 1.32
N ASP A 212 13.13 0.34 1.70
CA ASP A 212 14.54 0.70 1.76
C ASP A 212 14.90 0.33 3.20
N VAL A 213 15.72 -0.74 3.40
CA VAL A 213 16.05 -1.23 4.76
C VAL A 213 16.80 -0.24 5.65
N LYS A 214 17.47 0.76 5.04
CA LYS A 214 18.29 1.74 5.76
C LYS A 214 17.54 2.99 6.20
N THR A 215 16.48 3.37 5.46
CA THR A 215 15.75 4.62 5.65
C THR A 215 14.32 4.50 6.14
N GLY A 216 13.78 3.29 6.16
CA GLY A 216 12.40 3.06 6.57
C GLY A 216 11.41 3.44 5.48
N GLU A 217 11.92 3.84 4.28
CA GLU A 217 11.09 4.28 3.15
C GLU A 217 10.37 3.16 2.39
N ILE A 218 9.07 3.39 2.10
CA ILE A 218 8.27 2.49 1.27
C ILE A 218 8.52 2.93 -0.18
N LEU A 219 9.35 2.16 -0.87
CA LEU A 219 9.77 2.42 -2.23
C LEU A 219 8.73 2.02 -3.26
N ALA A 220 7.93 0.97 -2.98
CA ALA A 220 6.80 0.54 -3.79
C ALA A 220 5.75 -0.15 -2.94
N MET A 221 4.48 0.07 -3.32
CA MET A 221 3.31 -0.51 -2.66
C MET A 221 2.24 -0.63 -3.70
N THR A 222 2.10 -1.82 -4.27
CA THR A 222 1.12 -2.10 -5.31
C THR A 222 0.16 -3.22 -4.90
N ASN A 223 -1.07 -3.16 -5.40
CA ASN A 223 -2.09 -4.17 -5.15
C ASN A 223 -2.86 -4.49 -6.42
N GLN A 224 -3.36 -5.73 -6.51
CA GLN A 224 -4.24 -6.27 -7.55
C GLN A 224 -5.48 -6.79 -6.83
N PRO A 225 -6.70 -6.48 -7.30
CA PRO A 225 -7.04 -5.60 -8.43
C PRO A 225 -6.86 -4.13 -8.10
N THR A 226 -6.70 -3.32 -9.14
CA THR A 226 -6.57 -1.86 -9.05
C THR A 226 -7.64 -1.18 -9.92
N TYR A 227 -7.66 0.16 -9.91
CA TYR A 227 -8.65 0.98 -10.62
C TYR A 227 -7.99 2.25 -11.13
N ASN A 228 -8.64 2.93 -12.10
CA ASN A 228 -8.13 4.19 -12.60
C ASN A 228 -8.77 5.29 -11.78
N PRO A 229 -7.97 6.08 -11.01
CA PRO A 229 -8.57 7.16 -10.20
C PRO A 229 -9.14 8.31 -11.04
N ASN A 230 -8.73 8.40 -12.33
CA ASN A 230 -9.16 9.43 -13.29
C ASN A 230 -10.53 9.12 -13.88
N ASN A 231 -10.86 7.83 -13.98
CA ASN A 231 -12.10 7.29 -14.54
C ASN A 231 -12.73 6.38 -13.49
N ARG A 232 -13.41 6.99 -12.51
CA ARG A 232 -14.08 6.33 -11.40
C ARG A 232 -15.24 5.44 -11.95
N ARG A 233 -16.53 5.85 -11.74
CA ARG A 233 -17.76 5.17 -12.19
C ARG A 233 -17.79 3.64 -12.35
N ASN A 234 -18.69 2.98 -11.59
CA ASN A 234 -18.96 1.52 -11.53
C ASN A 234 -18.09 0.74 -10.53
N LEU A 235 -16.95 1.33 -10.11
CA LEU A 235 -15.96 0.73 -9.21
C LEU A 235 -16.41 -0.11 -8.02
N GLN A 236 -16.16 -1.43 -8.11
CA GLN A 236 -16.45 -2.42 -7.07
C GLN A 236 -15.51 -2.22 -5.84
N PRO A 237 -15.87 -2.67 -4.61
CA PRO A 237 -14.97 -2.45 -3.47
C PRO A 237 -13.66 -3.22 -3.57
N ALA A 238 -13.67 -4.43 -4.20
CA ALA A 238 -12.51 -5.29 -4.36
C ALA A 238 -11.30 -4.54 -4.94
N ALA A 239 -11.54 -3.75 -6.01
CA ALA A 239 -10.52 -2.98 -6.71
C ALA A 239 -9.97 -1.79 -5.90
N MET A 240 -10.78 -1.21 -5.01
CA MET A 240 -10.38 -0.05 -4.23
C MET A 240 -9.56 -0.36 -2.96
N ARG A 241 -9.57 -1.63 -2.49
CA ARG A 241 -8.89 -2.07 -1.26
C ARG A 241 -7.37 -1.95 -1.36
N ASN A 242 -6.77 -1.09 -0.51
CA ASN A 242 -5.32 -0.96 -0.44
C ASN A 242 -4.84 -2.13 0.44
N ARG A 243 -4.83 -3.33 -0.16
CA ARG A 243 -4.54 -4.63 0.43
C ARG A 243 -3.30 -4.77 1.31
N ALA A 244 -2.18 -4.14 0.89
CA ALA A 244 -0.90 -4.19 1.57
C ALA A 244 -0.98 -3.60 2.97
N MET A 245 -1.96 -2.71 3.20
CA MET A 245 -2.19 -2.05 4.48
C MET A 245 -3.47 -2.46 5.18
N ILE A 246 -4.48 -2.98 4.43
CA ILE A 246 -5.81 -3.28 4.98
C ILE A 246 -6.21 -4.75 5.01
N ASP A 247 -5.46 -5.63 4.32
CA ASP A 247 -5.78 -7.04 4.35
C ASP A 247 -4.90 -7.74 5.41
N VAL A 248 -5.53 -8.37 6.38
CA VAL A 248 -4.79 -9.11 7.41
C VAL A 248 -4.70 -10.56 6.96
N PHE A 249 -3.57 -11.21 7.26
CA PHE A 249 -3.40 -12.60 6.87
C PHE A 249 -2.48 -13.32 7.83
N GLU A 250 -2.51 -14.65 7.78
CA GLU A 250 -1.62 -15.46 8.59
C GLU A 250 -0.29 -15.50 7.84
N PRO A 251 0.81 -15.06 8.48
CA PRO A 251 2.10 -15.03 7.78
C PRO A 251 2.77 -16.39 7.62
N GLY A 252 2.30 -17.38 8.39
CA GLY A 252 2.82 -18.73 8.35
C GLY A 252 4.32 -18.86 8.54
N SER A 253 4.95 -19.64 7.66
CA SER A 253 6.38 -19.94 7.64
C SER A 253 7.28 -18.72 7.50
N THR A 254 6.73 -17.57 7.04
CA THR A 254 7.53 -16.34 6.89
C THR A 254 7.97 -15.76 8.25
N VAL A 255 7.36 -16.22 9.37
CA VAL A 255 7.75 -15.74 10.70
C VAL A 255 8.82 -16.63 11.36
N LYS A 256 9.09 -17.82 10.76
CA LYS A 256 10.10 -18.78 11.25
C LYS A 256 11.48 -18.13 11.43
N PRO A 257 11.91 -17.16 10.55
CA PRO A 257 13.21 -16.47 10.81
C PRO A 257 13.26 -15.78 12.18
N PHE A 258 12.14 -15.16 12.62
CA PHE A 258 12.03 -14.50 13.91
C PHE A 258 12.03 -15.49 15.08
N SER A 259 11.41 -16.68 14.92
CA SER A 259 11.46 -17.73 15.95
C SER A 259 12.90 -18.23 16.08
N MET A 260 13.63 -18.29 14.95
CA MET A 260 15.02 -18.70 14.87
C MET A 260 15.93 -17.65 15.51
N SER A 261 15.57 -16.34 15.44
CA SER A 261 16.34 -15.25 16.06
C SER A 261 16.29 -15.40 17.57
N ALA A 262 15.08 -15.73 18.09
CA ALA A 262 14.85 -15.98 19.51
C ALA A 262 15.70 -17.19 20.03
N ALA A 263 15.75 -18.30 19.25
CA ALA A 263 16.52 -19.51 19.53
C ALA A 263 18.01 -19.17 19.64
N LEU A 264 18.54 -18.47 18.65
CA LEU A 264 19.96 -18.05 18.61
C LEU A 264 20.32 -17.01 19.68
N ALA A 265 19.36 -16.15 20.05
CA ALA A 265 19.58 -15.15 21.11
C ALA A 265 19.50 -15.77 22.52
N SER A 266 18.88 -16.97 22.67
CA SER A 266 18.69 -17.66 23.96
C SER A 266 19.97 -18.15 24.63
N GLY A 267 20.98 -18.51 23.84
CA GLY A 267 22.23 -19.10 24.32
C GLY A 267 22.20 -20.60 24.33
N ARG A 268 21.04 -21.18 23.95
CA ARG A 268 20.73 -22.60 23.96
C ARG A 268 20.83 -23.25 22.58
N TRP A 269 20.99 -22.44 21.52
CA TRP A 269 20.99 -22.96 20.14
C TRP A 269 22.05 -22.36 19.25
N LYS A 270 22.58 -23.15 18.34
CA LYS A 270 23.52 -22.70 17.31
C LYS A 270 23.06 -23.25 15.95
N PRO A 271 23.45 -22.66 14.80
CA PRO A 271 23.01 -23.20 13.50
C PRO A 271 23.27 -24.69 13.24
N SER A 272 24.39 -25.23 13.74
CA SER A 272 24.78 -26.63 13.54
C SER A 272 23.97 -27.64 14.37
N ASP A 273 23.18 -27.13 15.33
CA ASP A 273 22.32 -27.92 16.20
C ASP A 273 21.34 -28.74 15.43
N ILE A 274 21.04 -29.89 15.99
CA ILE A 274 20.19 -30.89 15.40
C ILE A 274 18.85 -30.97 16.14
N VAL A 275 17.76 -31.24 15.38
CA VAL A 275 16.41 -31.43 15.89
C VAL A 275 15.81 -32.61 15.14
N ASP A 276 15.28 -33.59 15.87
CA ASP A 276 14.61 -34.76 15.29
C ASP A 276 13.14 -34.44 15.00
N VAL A 277 12.75 -34.49 13.72
CA VAL A 277 11.39 -34.20 13.27
C VAL A 277 10.57 -35.41 12.86
N TYR A 278 11.16 -36.62 12.93
CA TYR A 278 10.51 -37.88 12.54
C TYR A 278 9.28 -38.15 13.42
N PRO A 279 8.12 -38.64 12.90
CA PRO A 279 7.81 -39.01 11.51
C PRO A 279 7.15 -37.91 10.66
N GLY A 280 7.41 -36.65 10.99
CA GLY A 280 6.84 -35.54 10.24
C GLY A 280 5.56 -35.02 10.85
N THR A 281 5.22 -35.53 12.02
CA THR A 281 4.07 -35.10 12.80
C THR A 281 4.46 -35.00 14.25
N LEU A 282 3.67 -34.27 15.03
CA LEU A 282 3.86 -34.15 16.47
C LEU A 282 2.50 -33.84 17.10
N GLN A 283 2.01 -34.76 17.93
CA GLN A 283 0.72 -34.57 18.59
C GLN A 283 0.87 -33.79 19.89
N ILE A 284 0.03 -32.76 20.08
CA ILE A 284 -0.03 -31.97 21.32
C ILE A 284 -1.48 -32.04 21.78
N GLY A 285 -1.79 -33.08 22.57
CA GLY A 285 -3.14 -33.37 23.04
C GLY A 285 -4.01 -33.80 21.89
N ARG A 286 -5.01 -32.98 21.53
CA ARG A 286 -5.92 -33.26 20.41
C ARG A 286 -5.40 -32.65 19.10
N TYR A 287 -4.53 -31.62 19.18
CA TYR A 287 -3.95 -30.97 18.01
C TYR A 287 -2.75 -31.75 17.44
N THR A 288 -2.60 -31.74 16.10
CA THR A 288 -1.50 -32.42 15.42
C THR A 288 -0.72 -31.46 14.53
N ILE A 289 0.55 -31.23 14.87
CA ILE A 289 1.45 -30.38 14.08
C ILE A 289 1.92 -31.26 12.92
N ARG A 290 1.85 -30.74 11.70
CA ARG A 290 2.19 -31.54 10.53
C ARG A 290 3.11 -30.78 9.62
N ASP A 291 4.17 -31.46 9.18
CA ASP A 291 5.12 -30.90 8.22
C ASP A 291 4.61 -31.14 6.82
N VAL A 292 5.03 -30.31 5.86
CA VAL A 292 4.68 -30.45 4.44
C VAL A 292 5.38 -31.71 3.87
N SER A 293 6.70 -31.83 4.07
CA SER A 293 7.46 -33.01 3.66
C SER A 293 7.68 -33.84 4.95
N ARG A 294 7.52 -35.17 4.87
CA ARG A 294 7.61 -36.04 6.04
C ARG A 294 8.57 -37.23 5.83
N ASN A 295 9.71 -36.96 5.20
CA ASN A 295 10.78 -37.94 4.94
C ASN A 295 12.04 -37.47 5.66
N SER A 296 11.90 -36.85 6.85
CA SER A 296 13.07 -36.39 7.59
C SER A 296 13.07 -36.90 9.01
N ARG A 297 14.28 -37.00 9.59
CA ARG A 297 14.50 -37.34 10.98
C ARG A 297 15.31 -36.15 11.57
N GLN A 298 16.65 -36.19 11.50
CA GLN A 298 17.48 -35.12 12.05
C GLN A 298 17.64 -33.98 11.03
N LEU A 299 17.34 -32.77 11.44
CA LEU A 299 17.49 -31.58 10.59
C LEU A 299 18.28 -30.54 11.37
N ASP A 300 19.25 -29.87 10.73
CA ASP A 300 19.91 -28.79 11.44
C ASP A 300 19.04 -27.54 11.34
N LEU A 301 19.34 -26.49 12.08
CA LEU A 301 18.53 -25.26 12.12
C LEU A 301 18.26 -24.63 10.74
N THR A 302 19.23 -24.70 9.81
CA THR A 302 19.10 -24.23 8.44
C THR A 302 18.16 -25.17 7.63
N GLY A 303 18.29 -26.47 7.86
CA GLY A 303 17.44 -27.49 7.23
C GLY A 303 15.99 -27.38 7.63
N ILE A 304 15.71 -26.90 8.87
CA ILE A 304 14.34 -26.68 9.38
C ILE A 304 13.69 -25.54 8.56
N LEU A 305 14.48 -24.53 8.18
CA LEU A 305 13.98 -23.40 7.38
C LEU A 305 13.89 -23.78 5.91
N ILE A 306 14.84 -24.59 5.39
CA ILE A 306 14.83 -25.07 4.00
C ILE A 306 13.65 -26.00 3.75
N LYS A 307 13.48 -27.02 4.62
CA LYS A 307 12.37 -27.95 4.53
C LYS A 307 11.08 -27.30 5.02
N SER A 308 11.19 -26.13 5.71
CA SER A 308 10.09 -25.39 6.36
C SER A 308 9.35 -26.31 7.35
N SER A 309 10.11 -26.91 8.27
CA SER A 309 9.56 -27.84 9.25
C SER A 309 8.83 -27.17 10.42
N ASN A 310 7.52 -27.45 10.53
CA ASN A 310 6.68 -26.94 11.61
C ASN A 310 6.95 -27.71 12.88
N VAL A 311 7.29 -28.99 12.76
CA VAL A 311 7.66 -29.86 13.89
C VAL A 311 8.98 -29.34 14.50
N GLY A 312 10.00 -29.12 13.66
CA GLY A 312 11.32 -28.64 14.06
C GLY A 312 11.29 -27.31 14.79
N ILE A 313 10.55 -26.33 14.25
CA ILE A 313 10.41 -25.02 14.88
C ILE A 313 9.61 -25.08 16.18
N SER A 314 8.64 -26.02 16.28
CA SER A 314 7.80 -26.21 17.46
C SER A 314 8.60 -26.73 18.61
N LYS A 315 9.46 -27.69 18.36
CA LYS A 315 10.33 -28.29 19.35
C LYS A 315 11.37 -27.29 19.88
N ILE A 316 11.90 -26.43 18.99
CA ILE A 316 12.80 -25.34 19.40
C ILE A 316 12.03 -24.33 20.31
N ALA A 317 10.78 -23.99 19.89
CA ALA A 317 9.90 -23.11 20.65
C ALA A 317 9.67 -23.65 22.07
N PHE A 318 9.43 -24.98 22.21
CA PHE A 318 9.23 -25.63 23.54
C PHE A 318 10.49 -25.45 24.40
N ASP A 319 11.68 -25.58 23.81
CA ASP A 319 12.94 -25.46 24.53
C ASP A 319 13.18 -24.06 25.10
N ILE A 320 13.03 -23.02 24.25
CA ILE A 320 13.29 -21.61 24.60
C ILE A 320 12.13 -20.85 25.27
N GLY A 321 10.88 -21.31 25.03
CA GLY A 321 9.69 -20.66 25.56
C GLY A 321 9.13 -19.63 24.58
N ALA A 322 7.80 -19.53 24.53
CA ALA A 322 7.09 -18.64 23.63
C ALA A 322 7.31 -17.17 23.94
N GLU A 323 7.53 -16.83 25.23
CA GLU A 323 7.79 -15.47 25.67
C GLU A 323 8.95 -14.80 24.90
N SER A 324 10.05 -15.56 24.64
CA SER A 324 11.21 -15.04 23.87
C SER A 324 10.86 -14.78 22.40
N ILE A 325 10.01 -15.63 21.81
CA ILE A 325 9.53 -15.57 20.41
C ILE A 325 8.56 -14.42 20.22
N TYR A 326 7.59 -14.32 21.14
CA TYR A 326 6.61 -13.24 21.15
C TYR A 326 7.35 -11.90 21.18
N SER A 327 8.35 -11.78 22.07
CA SER A 327 9.15 -10.57 22.24
C SER A 327 9.83 -10.12 20.94
N VAL A 328 10.40 -11.07 20.16
CA VAL A 328 11.07 -10.72 18.90
C VAL A 328 10.02 -10.26 17.87
N MET A 329 8.92 -11.01 17.73
CA MET A 329 7.84 -10.71 16.80
C MET A 329 7.15 -9.38 17.12
N GLN A 330 7.01 -9.08 18.40
CA GLN A 330 6.43 -7.82 18.87
C GLN A 330 7.40 -6.69 18.51
N GLN A 331 8.69 -6.87 18.82
CA GLN A 331 9.70 -5.84 18.58
C GLN A 331 9.94 -5.48 17.12
N VAL A 332 9.83 -6.46 16.23
CA VAL A 332 10.00 -6.21 14.80
C VAL A 332 8.73 -5.55 14.21
N GLY A 333 7.62 -5.59 14.97
CA GLY A 333 6.39 -4.95 14.56
C GLY A 333 5.24 -5.81 14.07
N LEU A 334 5.33 -7.14 14.22
CA LEU A 334 4.24 -8.02 13.78
C LEU A 334 2.99 -7.85 14.66
N GLY A 335 1.87 -7.48 14.03
CA GLY A 335 0.61 -7.20 14.73
C GLY A 335 0.67 -5.94 15.56
N GLN A 336 1.60 -5.03 15.23
CA GLN A 336 1.83 -3.77 15.94
C GLN A 336 1.51 -2.59 15.03
N ASP A 337 1.10 -1.46 15.63
CA ASP A 337 0.80 -0.22 14.93
C ASP A 337 2.04 0.28 14.21
N THR A 338 1.89 0.60 12.90
CA THR A 338 3.00 1.05 12.06
C THR A 338 3.49 2.45 12.35
N GLY A 339 2.61 3.27 12.92
CA GLY A 339 2.94 4.67 13.18
C GLY A 339 2.65 5.54 11.99
N LEU A 340 2.16 4.93 10.88
CA LEU A 340 1.74 5.60 9.66
C LEU A 340 0.26 5.89 9.92
N GLY A 341 -0.11 7.16 9.91
CA GLY A 341 -1.50 7.56 10.13
C GLY A 341 -2.32 7.34 8.87
N PHE A 342 -2.04 6.23 8.16
CA PHE A 342 -2.66 5.84 6.90
C PHE A 342 -4.11 5.35 7.03
N PRO A 343 -5.05 6.01 6.30
CA PRO A 343 -6.48 5.67 6.41
C PRO A 343 -6.87 4.22 6.22
N GLY A 344 -7.59 3.70 7.21
CA GLY A 344 -8.10 2.34 7.23
C GLY A 344 -7.05 1.25 7.38
N GLU A 345 -5.80 1.62 7.71
CA GLU A 345 -4.71 0.65 7.90
C GLU A 345 -5.03 -0.21 9.11
N ARG A 346 -4.92 -1.54 8.96
CA ARG A 346 -5.17 -2.53 10.01
C ARG A 346 -3.91 -2.82 10.79
N VAL A 347 -4.06 -3.32 12.03
CA VAL A 347 -2.94 -3.62 12.94
C VAL A 347 -2.73 -5.14 13.00
N GLY A 348 -3.79 -5.89 12.69
CA GLY A 348 -3.77 -7.34 12.75
C GLY A 348 -3.80 -7.78 14.19
N ASN A 349 -3.11 -8.90 14.51
CA ASN A 349 -3.09 -9.42 15.88
C ASN A 349 -1.92 -10.32 16.15
N LEU A 350 -1.19 -10.04 17.22
CA LEU A 350 -0.11 -10.86 17.70
C LEU A 350 -0.56 -11.33 19.08
N PRO A 351 -1.09 -12.56 19.18
CA PRO A 351 -1.64 -12.99 20.47
C PRO A 351 -0.61 -13.09 21.58
N ASN A 352 -0.98 -12.63 22.77
CA ASN A 352 -0.11 -12.69 23.93
C ASN A 352 -0.82 -13.50 25.00
N HIS A 353 -0.06 -14.23 25.82
CA HIS A 353 -0.60 -15.06 26.90
C HIS A 353 0.11 -14.72 28.21
N ARG A 354 -0.62 -14.77 29.34
CA ARG A 354 -0.01 -14.53 30.66
C ARG A 354 0.97 -15.70 30.84
N LYS A 355 0.47 -16.93 30.60
CA LYS A 355 1.26 -18.15 30.61
C LYS A 355 0.95 -18.90 29.32
N TRP A 356 1.99 -19.10 28.51
CA TRP A 356 1.85 -19.73 27.22
C TRP A 356 1.63 -21.25 27.28
N PRO A 357 0.47 -21.79 26.81
CA PRO A 357 0.29 -23.26 26.77
C PRO A 357 1.11 -23.88 25.63
N LYS A 358 1.35 -25.21 25.67
CA LYS A 358 2.15 -25.96 24.69
C LYS A 358 1.72 -25.76 23.23
N ALA A 359 0.41 -25.86 22.95
CA ALA A 359 -0.17 -25.73 21.60
C ALA A 359 0.00 -24.33 21.03
N GLU A 360 -0.17 -23.29 21.87
CA GLU A 360 -0.03 -21.89 21.45
C GLU A 360 1.44 -21.50 21.20
N THR A 361 2.37 -22.06 21.98
CA THR A 361 3.81 -21.89 21.82
C THR A 361 4.18 -22.33 20.41
N ALA A 362 3.76 -23.56 20.02
CA ALA A 362 4.07 -24.15 18.71
C ALA A 362 3.47 -23.39 17.52
N THR A 363 2.16 -23.12 17.53
CA THR A 363 1.48 -22.37 16.44
C THR A 363 2.02 -20.94 16.29
N LEU A 364 2.43 -20.28 17.38
CA LEU A 364 3.04 -18.95 17.35
C LEU A 364 4.35 -19.00 16.59
N ALA A 365 5.22 -19.99 16.90
CA ALA A 365 6.54 -20.16 16.28
C ALA A 365 6.50 -20.40 14.76
N TYR A 366 5.40 -20.98 14.23
CA TYR A 366 5.26 -21.20 12.79
C TYR A 366 4.18 -20.33 12.07
N GLY A 367 3.73 -19.25 12.74
CA GLY A 367 2.82 -18.26 12.16
C GLY A 367 1.36 -18.62 11.96
N TYR A 368 0.86 -19.66 12.64
CA TYR A 368 -0.56 -20.03 12.54
C TYR A 368 -1.35 -19.16 13.51
N GLY A 369 -0.77 -18.90 14.67
CA GLY A 369 -1.43 -18.06 15.66
C GLY A 369 -1.03 -16.61 15.52
N LEU A 370 -1.54 -15.89 14.46
CA LEU A 370 -1.31 -14.44 14.19
C LEU A 370 -1.79 -13.89 12.81
N SER A 371 -2.12 -12.60 12.79
CA SER A 371 -2.59 -11.83 11.63
C SER A 371 -1.73 -10.59 11.51
N VAL A 372 -1.23 -10.33 10.29
CA VAL A 372 -0.32 -9.23 9.97
C VAL A 372 -0.69 -8.65 8.61
N THR A 373 -0.10 -7.50 8.27
CA THR A 373 -0.26 -6.92 6.95
C THR A 373 1.02 -7.13 6.17
N ALA A 374 0.98 -6.96 4.84
CA ALA A 374 2.19 -7.09 4.01
C ALA A 374 3.19 -5.97 4.38
N ILE A 375 2.70 -4.74 4.74
CA ILE A 375 3.55 -3.65 5.21
C ILE A 375 4.33 -4.06 6.49
N GLN A 376 3.63 -4.65 7.47
CA GLN A 376 4.23 -5.12 8.71
C GLN A 376 5.29 -6.18 8.44
N LEU A 377 4.98 -7.15 7.55
CA LEU A 377 5.92 -8.23 7.22
C LEU A 377 7.16 -7.71 6.52
N ALA A 378 6.99 -6.72 5.61
CA ALA A 378 8.12 -6.12 4.91
C ALA A 378 9.00 -5.34 5.89
N HIS A 379 8.40 -4.59 6.84
CA HIS A 379 9.14 -3.79 7.84
C HIS A 379 10.00 -4.69 8.76
N ALA A 380 9.45 -5.87 9.12
CA ALA A 380 10.05 -6.89 9.99
C ALA A 380 11.24 -7.54 9.29
N TYR A 381 11.14 -7.79 7.98
CA TYR A 381 12.26 -8.33 7.18
C TYR A 381 13.31 -7.23 6.95
N ALA A 382 12.89 -5.94 6.86
CA ALA A 382 13.82 -4.80 6.74
C ALA A 382 14.69 -4.67 7.99
N ALA A 383 14.10 -4.80 9.18
CA ALA A 383 14.82 -4.78 10.47
C ALA A 383 15.92 -5.85 10.49
N LEU A 384 15.57 -7.10 10.14
CA LEU A 384 16.48 -8.23 10.05
C LEU A 384 17.62 -8.03 9.03
N ALA A 385 17.27 -7.46 7.87
CA ALA A 385 18.19 -7.13 6.80
C ALA A 385 19.15 -5.98 7.20
N ASN A 386 18.65 -5.01 7.97
CA ASN A 386 19.40 -3.86 8.44
C ASN A 386 20.16 -4.18 9.74
N ASP A 387 20.76 -5.38 9.81
CA ASP A 387 21.52 -5.88 10.96
C ASP A 387 20.76 -5.81 12.30
N GLY A 388 19.48 -6.18 12.25
CA GLY A 388 18.61 -6.21 13.44
C GLY A 388 18.10 -4.87 13.91
N LYS A 389 18.29 -3.81 13.12
CA LYS A 389 17.87 -2.46 13.48
C LYS A 389 16.64 -1.99 12.68
N SER A 390 15.59 -1.55 13.39
CA SER A 390 14.32 -1.10 12.79
C SER A 390 14.20 0.43 12.64
N VAL A 391 14.23 0.91 11.39
CA VAL A 391 14.10 2.33 11.07
C VAL A 391 12.60 2.60 10.89
N PRO A 392 12.04 3.66 11.55
CA PRO A 392 10.60 3.92 11.44
C PRO A 392 10.11 4.09 9.99
N LEU A 393 8.95 3.49 9.69
CA LEU A 393 8.33 3.52 8.36
C LEU A 393 7.96 4.91 7.89
N SER A 394 8.11 5.15 6.59
CA SER A 394 7.72 6.43 6.02
C SER A 394 7.09 6.27 4.64
N MET A 395 6.00 7.00 4.40
CA MET A 395 5.32 7.04 3.11
C MET A 395 5.79 8.25 2.31
N THR A 396 6.60 9.13 2.96
CA THR A 396 7.19 10.35 2.37
C THR A 396 8.71 10.19 2.24
N ARG A 397 9.33 10.98 1.33
CA ARG A 397 10.78 10.96 1.06
C ARG A 397 11.55 11.36 2.32
N VAL A 398 12.43 10.46 2.75
CA VAL A 398 13.24 10.71 3.93
C VAL A 398 14.60 11.27 3.52
N ASP A 399 14.83 12.55 3.91
CA ASP A 399 16.05 13.31 3.68
C ASP A 399 16.95 13.19 4.91
N ARG A 400 16.39 13.39 6.11
CA ARG A 400 17.13 13.23 7.36
C ARG A 400 16.58 11.96 8.02
N VAL A 401 17.38 10.88 8.01
CA VAL A 401 16.94 9.59 8.52
C VAL A 401 16.89 9.56 10.06
N PRO A 402 15.73 9.14 10.67
CA PRO A 402 15.65 9.01 12.15
C PRO A 402 16.55 7.88 12.67
N ASP A 403 16.88 7.91 13.97
CA ASP A 403 17.80 6.97 14.64
C ASP A 403 17.64 5.46 14.51
N GLY A 404 16.42 4.96 14.49
CA GLY A 404 16.20 3.51 14.43
C GLY A 404 16.39 2.81 15.76
N VAL A 405 15.69 1.68 15.95
CA VAL A 405 15.76 0.90 17.18
C VAL A 405 16.39 -0.48 16.92
N GLN A 406 17.35 -0.89 17.74
CA GLN A 406 18.01 -2.20 17.62
C GLN A 406 17.05 -3.20 18.25
N VAL A 407 16.41 -4.05 17.44
CA VAL A 407 15.39 -4.98 17.95
C VAL A 407 15.88 -6.43 18.03
N ILE A 408 16.96 -6.75 17.30
CA ILE A 408 17.61 -8.07 17.23
C ILE A 408 19.09 -7.76 17.29
N SER A 409 19.87 -8.53 18.08
CA SER A 409 21.30 -8.25 18.15
C SER A 409 21.96 -8.38 16.77
N PRO A 410 22.94 -7.49 16.44
CA PRO A 410 23.57 -7.55 15.11
C PRO A 410 24.15 -8.91 14.75
N GLU A 411 24.72 -9.63 15.73
CA GLU A 411 25.30 -10.93 15.54
C GLU A 411 24.22 -11.95 15.20
N VAL A 412 23.09 -11.93 15.93
CA VAL A 412 21.96 -12.85 15.67
C VAL A 412 21.36 -12.52 14.33
N ALA A 413 21.22 -11.23 14.02
CA ALA A 413 20.67 -10.79 12.71
C ALA A 413 21.54 -11.29 11.56
N SER A 414 22.88 -11.20 11.73
CA SER A 414 23.85 -11.63 10.71
C SER A 414 23.75 -13.15 10.46
N THR A 415 23.60 -13.94 11.53
CA THR A 415 23.50 -15.39 11.42
C THR A 415 22.23 -15.77 10.68
N VAL A 416 21.09 -15.16 11.08
CA VAL A 416 19.78 -15.39 10.46
C VAL A 416 19.78 -15.03 8.95
N GLN A 417 20.43 -13.91 8.55
CA GLN A 417 20.61 -13.51 7.14
C GLN A 417 21.30 -14.61 6.35
N GLY A 418 22.34 -15.20 6.94
CA GLY A 418 23.12 -16.29 6.34
C GLY A 418 22.32 -17.56 6.14
N MET A 419 21.43 -17.88 7.09
CA MET A 419 20.60 -19.08 6.96
C MET A 419 19.59 -18.82 5.86
N LEU A 420 19.06 -17.58 5.78
CA LEU A 420 18.08 -17.23 4.76
C LEU A 420 18.66 -17.17 3.35
N GLN A 421 19.98 -16.92 3.23
CA GLN A 421 20.68 -16.94 1.93
C GLN A 421 20.78 -18.42 1.50
N GLN A 422 20.96 -19.32 2.46
CA GLN A 422 21.02 -20.76 2.26
C GLN A 422 19.62 -21.26 1.88
N VAL A 423 18.55 -20.69 2.48
CA VAL A 423 17.19 -21.07 2.08
C VAL A 423 17.04 -20.86 0.57
N VAL A 424 17.56 -19.73 0.08
CA VAL A 424 17.51 -19.39 -1.33
C VAL A 424 18.50 -20.18 -2.19
N GLU A 425 19.78 -20.21 -1.78
CA GLU A 425 20.88 -20.74 -2.57
C GLU A 425 21.26 -22.19 -2.41
N ALA A 426 20.84 -22.84 -1.31
CA ALA A 426 21.22 -24.22 -1.04
C ALA A 426 20.38 -25.26 -1.77
N GLN A 427 20.93 -26.48 -1.79
CA GLN A 427 20.36 -27.75 -2.30
C GLN A 427 18.98 -27.92 -1.62
N GLY A 428 17.96 -28.17 -2.43
CA GLY A 428 16.58 -28.32 -1.98
C GLY A 428 15.89 -27.03 -1.54
N GLY A 429 16.55 -25.88 -1.76
CA GLY A 429 16.03 -24.56 -1.39
C GLY A 429 15.09 -23.86 -2.35
N VAL A 430 14.73 -22.59 -2.04
CA VAL A 430 13.81 -21.78 -2.85
C VAL A 430 14.59 -21.19 -4.03
N PHE A 431 14.94 -22.06 -4.98
CA PHE A 431 15.74 -21.72 -6.16
C PHE A 431 15.11 -20.68 -7.11
N ARG A 432 13.77 -20.60 -7.12
CA ARG A 432 13.03 -19.64 -7.95
C ARG A 432 13.17 -18.18 -7.42
N ALA A 433 13.59 -18.00 -6.15
CA ALA A 433 13.74 -16.67 -5.56
C ALA A 433 15.11 -16.09 -5.89
N GLN A 434 16.04 -16.90 -6.41
CA GLN A 434 17.39 -16.47 -6.80
C GLN A 434 17.41 -15.25 -7.70
N VAL A 435 18.25 -14.26 -7.36
CA VAL A 435 18.36 -13.00 -8.13
C VAL A 435 19.58 -12.96 -9.09
N PRO A 436 19.35 -12.85 -10.43
CA PRO A 436 20.49 -12.81 -11.37
C PRO A 436 21.61 -11.82 -11.02
N GLY A 437 22.79 -12.38 -10.78
CA GLY A 437 23.99 -11.61 -10.43
C GLY A 437 24.10 -11.12 -8.99
N TYR A 438 23.18 -11.51 -8.11
CA TYR A 438 23.22 -11.08 -6.70
C TYR A 438 22.99 -12.26 -5.77
N HIS A 439 23.38 -12.13 -4.49
CA HIS A 439 23.04 -13.12 -3.45
C HIS A 439 21.76 -12.57 -2.80
N ALA A 440 20.74 -13.39 -2.68
CA ALA A 440 19.49 -12.96 -2.09
C ALA A 440 19.20 -13.86 -0.89
N ALA A 441 18.26 -13.45 -0.06
CA ALA A 441 17.87 -14.19 1.13
C ALA A 441 16.38 -14.03 1.35
N GLY A 442 15.73 -15.07 1.84
CA GLY A 442 14.32 -15.01 2.10
C GLY A 442 13.72 -16.33 2.50
N LYS A 443 12.42 -16.28 2.75
CA LYS A 443 11.64 -17.41 3.20
C LYS A 443 10.27 -17.37 2.53
N SER A 444 9.84 -18.51 2.03
CA SER A 444 8.50 -18.67 1.44
C SER A 444 7.47 -19.05 2.52
N GLY A 445 6.22 -18.79 2.22
CA GLY A 445 5.09 -19.12 3.07
C GLY A 445 3.88 -19.53 2.25
N THR A 446 3.08 -20.46 2.81
CA THR A 446 1.84 -20.91 2.19
C THR A 446 0.83 -21.02 3.32
N ALA A 447 -0.23 -20.22 3.27
CA ALA A 447 -1.25 -20.25 4.31
C ALA A 447 -2.58 -20.76 3.80
N ARG A 448 -3.16 -21.72 4.52
CA ARG A 448 -4.46 -22.27 4.17
C ARG A 448 -5.53 -21.27 4.64
N LYS A 449 -6.44 -20.87 3.73
CA LYS A 449 -7.52 -19.92 4.04
C LYS A 449 -8.78 -20.67 4.48
N ASN A 460 -9.64 -26.37 -1.50
CA ASN A 460 -9.02 -25.53 -0.48
C ASN A 460 -8.48 -24.23 -1.07
N ALA A 461 -8.62 -23.11 -0.34
CA ALA A 461 -8.15 -21.78 -0.74
C ALA A 461 -6.82 -21.45 -0.02
N TYR A 462 -5.85 -20.92 -0.77
CA TYR A 462 -4.52 -20.62 -0.26
C TYR A 462 -4.06 -19.18 -0.44
N ARG A 463 -3.01 -18.80 0.30
CA ARG A 463 -2.35 -17.50 0.19
C ARG A 463 -0.89 -17.85 0.03
N SER A 464 -0.30 -17.38 -1.05
CA SER A 464 1.08 -17.68 -1.41
C SER A 464 1.98 -16.47 -1.07
N LEU A 465 3.00 -16.70 -0.21
CA LEU A 465 3.89 -15.66 0.26
C LEU A 465 5.35 -15.89 -0.03
N PHE A 466 6.08 -14.79 -0.23
CA PHE A 466 7.54 -14.75 -0.28
C PHE A 466 8.03 -13.44 0.34
N ALA A 467 8.89 -13.56 1.32
CA ALA A 467 9.49 -12.43 2.01
C ALA A 467 11.00 -12.54 1.96
N GLY A 468 11.68 -11.46 1.64
CA GLY A 468 13.13 -11.53 1.55
C GLY A 468 13.86 -10.23 1.34
N PHE A 469 15.17 -10.33 1.20
CA PHE A 469 15.98 -9.13 1.01
C PHE A 469 17.23 -9.41 0.18
N ALA A 470 17.83 -8.36 -0.34
CA ALA A 470 19.02 -8.45 -1.19
C ALA A 470 19.68 -7.08 -1.30
N PRO A 471 21.01 -7.01 -1.58
CA PRO A 471 21.97 -8.12 -1.72
C PRO A 471 22.19 -8.76 -0.34
N ALA A 472 22.46 -10.06 -0.29
CA ALA A 472 22.64 -10.71 1.00
C ALA A 472 23.94 -10.32 1.74
N THR A 473 24.98 -9.80 1.01
CA THR A 473 26.27 -9.39 1.60
C THR A 473 26.37 -7.91 2.07
N ASP A 474 25.34 -7.10 1.77
CA ASP A 474 25.19 -5.69 2.17
C ASP A 474 23.71 -5.33 1.84
N PRO A 475 22.72 -5.83 2.62
CA PRO A 475 21.30 -5.62 2.25
C PRO A 475 20.88 -4.17 2.02
N ARG A 476 20.06 -3.94 1.00
CA ARG A 476 19.57 -2.63 0.64
C ARG A 476 18.03 -2.57 0.55
N ILE A 477 17.41 -3.65 0.08
CA ILE A 477 15.98 -3.77 -0.16
C ILE A 477 15.38 -4.99 0.54
N ALA A 478 14.20 -4.84 1.16
CA ALA A 478 13.36 -5.91 1.71
C ALA A 478 12.08 -5.93 0.84
N MET A 479 11.54 -7.11 0.59
CA MET A 479 10.35 -7.22 -0.26
C MET A 479 9.44 -8.33 0.23
N VAL A 480 8.11 -8.11 0.14
CA VAL A 480 7.08 -9.10 0.45
C VAL A 480 6.17 -9.25 -0.78
N VAL A 481 5.87 -10.49 -1.19
CA VAL A 481 4.98 -10.80 -2.30
C VAL A 481 3.84 -11.66 -1.73
N VAL A 482 2.63 -11.18 -1.89
CA VAL A 482 1.44 -11.88 -1.42
C VAL A 482 0.58 -12.12 -2.65
N ILE A 483 0.24 -13.39 -2.89
CA ILE A 483 -0.63 -13.75 -4.00
C ILE A 483 -1.77 -14.54 -3.35
N ASP A 484 -2.95 -13.94 -3.36
CA ASP A 484 -4.15 -14.46 -2.73
C ASP A 484 -4.97 -15.34 -3.67
N GLU A 485 -5.20 -16.58 -3.23
CA GLU A 485 -5.96 -17.60 -3.93
C GLU A 485 -5.42 -17.97 -5.32
N PRO A 486 -4.18 -18.51 -5.47
CA PRO A 486 -3.77 -18.97 -6.82
C PRO A 486 -4.67 -20.16 -7.18
N SER A 487 -5.25 -20.15 -8.40
CA SER A 487 -6.21 -21.18 -8.84
C SER A 487 -5.64 -22.24 -9.77
N LYS A 488 -4.37 -22.10 -10.19
CA LYS A 488 -3.65 -23.09 -11.01
C LYS A 488 -3.05 -24.13 -10.08
N ALA A 489 -2.48 -25.24 -10.64
CA ALA A 489 -1.88 -26.37 -9.91
C ALA A 489 -0.91 -25.98 -8.79
N GLY A 490 -0.15 -24.91 -8.99
CA GLY A 490 0.82 -24.40 -8.03
C GLY A 490 0.22 -23.44 -7.03
N TYR A 491 0.42 -23.72 -5.73
CA TYR A 491 -0.08 -22.82 -4.67
C TYR A 491 0.96 -22.44 -3.63
N PHE A 492 2.09 -23.17 -3.60
CA PHE A 492 3.17 -22.91 -2.66
C PHE A 492 3.89 -21.60 -2.98
N GLY A 493 4.23 -20.81 -1.95
CA GLY A 493 4.95 -19.54 -2.07
C GLY A 493 6.24 -19.56 -2.87
N GLY A 494 7.07 -20.56 -2.64
CA GLY A 494 8.30 -20.77 -3.37
C GLY A 494 8.13 -21.07 -4.86
N LEU A 495 6.92 -21.42 -5.29
CA LEU A 495 6.56 -21.74 -6.66
C LEU A 495 5.78 -20.56 -7.30
N VAL A 496 4.87 -19.94 -6.51
CA VAL A 496 4.02 -18.84 -6.96
C VAL A 496 4.61 -17.44 -6.74
N SER A 497 5.03 -17.13 -5.49
CA SER A 497 5.54 -15.81 -5.09
C SER A 497 7.03 -15.57 -5.33
N ALA A 498 7.89 -16.58 -5.09
CA ALA A 498 9.36 -16.52 -5.25
C ALA A 498 9.79 -16.00 -6.64
N PRO A 499 9.25 -16.49 -7.79
CA PRO A 499 9.66 -15.90 -9.09
C PRO A 499 9.27 -14.42 -9.26
N VAL A 500 8.25 -13.92 -8.52
CA VAL A 500 7.89 -12.49 -8.57
C VAL A 500 8.99 -11.71 -7.87
N PHE A 501 9.37 -12.14 -6.64
CA PHE A 501 10.45 -11.55 -5.83
C PHE A 501 11.73 -11.46 -6.68
N SER A 502 12.04 -12.54 -7.40
CA SER A 502 13.23 -12.61 -8.29
C SER A 502 13.28 -11.51 -9.32
N LYS A 503 12.22 -11.37 -10.12
CA LYS A 503 12.13 -10.39 -11.21
C LYS A 503 12.09 -8.95 -10.70
N VAL A 504 11.26 -8.69 -9.69
CA VAL A 504 11.12 -7.33 -9.13
C VAL A 504 12.41 -6.93 -8.43
N MET A 505 12.99 -7.82 -7.62
CA MET A 505 14.26 -7.51 -6.92
C MET A 505 15.39 -7.23 -7.92
N ALA A 506 15.47 -8.07 -8.96
CA ALA A 506 16.49 -7.95 -10.01
C ALA A 506 16.42 -6.59 -10.65
N GLY A 507 15.21 -6.19 -11.04
CA GLY A 507 14.97 -4.90 -11.66
C GLY A 507 15.21 -3.72 -10.74
N ALA A 508 14.79 -3.81 -9.45
CA ALA A 508 14.97 -2.73 -8.47
C ALA A 508 16.43 -2.45 -8.08
N LEU A 509 17.28 -3.48 -7.96
CA LEU A 509 18.70 -3.29 -7.60
C LEU A 509 19.44 -2.59 -8.75
N ARG A 510 19.04 -2.84 -9.99
CA ARG A 510 19.59 -2.23 -11.21
C ARG A 510 19.24 -0.72 -11.21
N LEU A 511 17.94 -0.40 -11.03
CA LEU A 511 17.42 0.96 -11.00
C LEU A 511 18.04 1.83 -9.91
N MET A 512 18.44 1.19 -8.82
CA MET A 512 19.06 1.82 -7.67
C MET A 512 20.59 1.76 -7.70
N ASN A 513 21.16 1.24 -8.79
CA ASN A 513 22.61 1.16 -8.99
C ASN A 513 23.29 0.40 -7.86
N VAL A 514 22.69 -0.71 -7.45
CA VAL A 514 23.24 -1.53 -6.38
C VAL A 514 24.27 -2.46 -7.02
N PRO A 515 25.55 -2.38 -6.61
CA PRO A 515 26.56 -3.24 -7.27
C PRO A 515 26.30 -4.74 -7.08
N PRO A 516 26.39 -5.56 -8.14
CA PRO A 516 26.20 -7.01 -7.96
C PRO A 516 27.28 -7.62 -7.07
N ASP A 517 26.84 -8.42 -6.09
CA ASP A 517 27.69 -9.06 -5.10
C ASP A 517 27.93 -10.54 -5.41
N ASN A 518 27.33 -11.05 -6.49
CA ASN A 518 27.52 -12.44 -6.91
C ASN A 518 28.36 -12.36 -8.18
N LEU A 519 29.56 -11.78 -8.00
CA LEU A 519 30.59 -11.53 -9.01
C LEU A 519 31.26 -12.87 -9.40
N PRO A 520 31.51 -13.14 -10.71
CA PRO A 520 32.13 -14.42 -11.08
C PRO A 520 33.62 -14.52 -10.73
#